data_3HKP
#
_entry.id   3HKP
#
_cell.length_a   88.420
_cell.length_b   37.390
_cell.length_c   74.100
_cell.angle_alpha   90.00
_cell.angle_beta   96.28
_cell.angle_gamma   90.00
#
_symmetry.space_group_name_H-M   'C 1 2 1'
#
loop_
_entity.id
_entity.type
_entity.pdbx_description
1 polymer 'Catechol 1,2-dioxygenase'
2 non-polymer 'FE (III) ION'
3 non-polymer '3,4-DIHYDROXYBENZOIC ACID'
4 non-polymer '(4S,7R)-4-HYDROXY-N,N,N-TRIMETHYL-9-OXO-7-[(PALMITOYLOXY)METHYL]-3,5,8-TRIOXA-4-PHOSPHAHEXACOSAN-1-AMINIUM 4-OXIDE'
5 water water
#
_entity_poly.entity_id   1
_entity_poly.type   'polypeptide(L)'
_entity_poly.pdbx_seq_one_letter_code
;MTTTESPTAAGSGSAATDKFKAERATADTSPERLAAIAKDALGALNDVILKHGVTYPEYRVFKQWLIDVGEGGEWPLFLD
VFIEHSVEEVLARSRKGTMGSIEGPYYIENSPELPSKCTDPMREEDEKITPLVFSGQVTDLDGNGLAGAKVELWHADNDG
YYSQFAPHLPEWNLRGTIIADEEGRYEITTIQPAPYQIPTDGPTGQFIEAQNGHPWRPAHLHLIVSAPGKESVTTQLYFK
GGEWIDSDVASATKPELILDPKTGDDGKNYVTYNFVLDPA
;
_entity_poly.pdbx_strand_id   A
#
loop_
_chem_comp.id
_chem_comp.type
_chem_comp.name
_chem_comp.formula
6PL non-polymer '(4S,7R)-4-HYDROXY-N,N,N-TRIMETHYL-9-OXO-7-[(PALMITOYLOXY)METHYL]-3,5,8-TRIOXA-4-PHOSPHAHEXACOSAN-1-AMINIUM 4-OXIDE' 'C42 H85 N O8 P 1'
DHB non-polymer '3,4-DIHYDROXYBENZOIC ACID' 'C7 H6 O4'
FE non-polymer 'FE (III) ION' 'Fe 3'
#
# COMPACT_ATOMS: atom_id res chain seq x y z
N ALA A 25 -5.14 9.59 17.21
CA ALA A 25 -4.36 8.32 17.33
C ALA A 25 -3.78 8.20 18.75
N THR A 26 -4.06 7.07 19.41
CA THR A 26 -3.47 6.81 20.73
C THR A 26 -2.76 5.45 20.72
N ALA A 27 -1.70 5.31 21.51
CA ALA A 27 -1.03 4.02 21.70
C ALA A 27 -1.11 3.68 23.19
N ASP A 28 -0.53 2.54 23.58
CA ASP A 28 -0.56 2.05 24.96
C ASP A 28 0.63 2.60 25.75
N THR A 29 1.63 3.02 24.98
CA THR A 29 3.02 3.12 25.34
C THR A 29 3.32 3.76 26.71
N SER A 30 4.13 3.05 27.50
CA SER A 30 4.59 3.51 28.82
C SER A 30 5.77 4.49 28.63
N PRO A 31 5.92 5.49 29.53
CA PRO A 31 7.06 6.43 29.55
C PRO A 31 8.40 5.74 29.44
N GLU A 32 8.56 4.66 30.19
CA GLU A 32 9.75 3.89 30.08
C GLU A 32 9.96 3.32 28.68
N ARG A 33 8.88 2.84 28.03
CA ARG A 33 9.00 2.35 26.65
C ARG A 33 9.40 3.50 25.70
N LEU A 34 8.63 4.59 25.75
CA LEU A 34 9.00 5.81 24.95
C LEU A 34 10.45 6.26 25.12
N ALA A 35 10.91 6.30 26.36
CA ALA A 35 12.28 6.73 26.69
C ALA A 35 13.34 5.89 25.98
N ALA A 36 13.14 4.57 26.01
CA ALA A 36 14.05 3.64 25.36
C ALA A 36 14.05 3.76 23.85
N ILE A 37 12.86 3.87 23.26
CA ILE A 37 12.72 4.12 21.82
C ILE A 37 13.43 5.42 21.46
N ALA A 38 13.07 6.52 22.14
CA ALA A 38 13.65 7.84 21.88
C ALA A 38 15.17 7.83 21.98
N LYS A 39 15.71 7.11 22.97
CA LYS A 39 17.12 7.13 23.25
C LYS A 39 17.94 6.47 22.12
N ASP A 40 17.55 5.28 21.67
CA ASP A 40 18.26 4.70 20.53
C ASP A 40 17.93 5.36 19.23
N ALA A 41 16.72 5.91 19.08
CA ALA A 41 16.45 6.63 17.85
C ALA A 41 17.32 7.88 17.77
N LEU A 42 17.28 8.69 18.81
CA LEU A 42 18.12 9.89 18.85
C LEU A 42 19.60 9.54 18.80
N GLY A 43 19.97 8.46 19.49
CA GLY A 43 21.36 8.01 19.58
C GLY A 43 21.87 7.54 18.22
N ALA A 44 21.01 6.84 17.47
CA ALA A 44 21.32 6.41 16.11
C ALA A 44 21.45 7.57 15.12
N LEU A 45 20.58 8.56 15.24
CA LEU A 45 20.65 9.70 14.32
C LEU A 45 21.95 10.44 14.63
N ASN A 46 22.27 10.53 15.92
CA ASN A 46 23.48 11.24 16.31
C ASN A 46 24.77 10.51 15.85
N ASP A 47 24.74 9.19 15.93
CA ASP A 47 25.76 8.32 15.35
C ASP A 47 25.95 8.53 13.84
N VAL A 48 24.86 8.64 13.07
CA VAL A 48 24.95 8.97 11.64
C VAL A 48 25.62 10.34 11.36
N ILE A 49 25.28 11.35 12.14
CA ILE A 49 25.91 12.67 12.03
C ILE A 49 27.44 12.59 12.22
N LEU A 50 27.83 11.88 13.27
CA LEU A 50 29.26 11.67 13.59
C LEU A 50 29.96 10.83 12.50
N LYS A 51 29.30 9.75 12.10
CA LYS A 51 29.85 8.84 11.05
C LYS A 51 30.15 9.59 9.77
N HIS A 52 29.19 10.40 9.30
CA HIS A 52 29.39 11.16 8.05
C HIS A 52 30.01 12.54 8.19
N GLY A 53 30.22 13.01 9.43
CA GLY A 53 30.67 14.38 9.66
C GLY A 53 29.72 15.44 9.13
N VAL A 54 28.45 15.31 9.44
CA VAL A 54 27.42 16.29 9.01
C VAL A 54 27.81 17.67 9.50
N THR A 55 27.80 18.62 8.57
CA THR A 55 28.31 19.97 8.80
C THR A 55 27.19 20.90 9.27
N TYR A 56 27.56 22.07 9.80
CA TYR A 56 26.58 23.08 10.16
C TYR A 56 25.69 23.51 9.01
N PRO A 57 26.28 23.80 7.83
CA PRO A 57 25.44 24.12 6.69
C PRO A 57 24.42 23.02 6.31
N GLU A 58 24.81 21.77 6.41
CA GLU A 58 23.94 20.60 6.15
C GLU A 58 22.85 20.50 7.21
N TYR A 59 23.24 20.73 8.45
CA TYR A 59 22.25 20.80 9.57
C TYR A 59 21.15 21.86 9.29
N ARG A 60 21.55 23.06 8.87
CA ARG A 60 20.61 24.10 8.47
C ARG A 60 19.67 23.77 7.31
N VAL A 61 20.23 23.12 6.27
CA VAL A 61 19.38 22.65 5.17
C VAL A 61 18.38 21.56 5.70
N PHE A 62 18.85 20.64 6.56
CA PHE A 62 18.00 19.58 7.17
C PHE A 62 16.88 20.23 7.98
N LYS A 63 17.23 21.22 8.81
CA LYS A 63 16.20 21.89 9.59
C LYS A 63 15.12 22.58 8.70
N GLN A 64 15.53 23.27 7.66
CA GLN A 64 14.56 23.90 6.74
C GLN A 64 13.70 22.87 5.97
N TRP A 65 14.31 21.75 5.58
CA TRP A 65 13.59 20.65 4.90
C TRP A 65 12.50 20.00 5.78
N LEU A 66 12.79 19.77 7.06
CA LEU A 66 11.77 19.31 8.02
C LEU A 66 10.57 20.25 8.05
N ILE A 67 10.87 21.54 8.15
CA ILE A 67 9.85 22.59 8.20
C ILE A 67 9.09 22.52 6.92
N ASP A 68 9.80 22.39 5.80
CA ASP A 68 9.14 22.33 4.48
C ASP A 68 8.17 21.13 4.35
N VAL A 69 8.58 19.96 4.85
CA VAL A 69 7.77 18.74 4.83
C VAL A 69 6.39 19.01 5.53
N GLY A 70 6.44 19.62 6.69
CA GLY A 70 5.21 19.97 7.42
C GLY A 70 4.35 20.97 6.67
N GLU A 71 4.94 22.09 6.26
CA GLU A 71 4.25 23.12 5.50
C GLU A 71 3.61 22.58 4.22
N GLY A 72 4.26 21.55 3.62
CA GLY A 72 3.79 20.92 2.37
C GLY A 72 2.76 19.80 2.53
N GLY A 73 2.35 19.53 3.78
CA GLY A 73 1.45 18.43 4.08
C GLY A 73 1.94 17.03 3.72
N GLU A 74 3.27 16.84 3.66
CA GLU A 74 3.89 15.61 3.23
C GLU A 74 4.40 14.65 4.32
N TRP A 75 4.03 14.84 5.57
CA TRP A 75 4.36 13.81 6.58
C TRP A 75 3.86 12.39 6.25
N PRO A 76 2.56 12.23 5.98
CA PRO A 76 2.07 10.89 5.58
C PRO A 76 2.82 10.36 4.34
N LEU A 77 2.98 11.20 3.35
CA LEU A 77 3.61 10.78 2.15
C LEU A 77 5.07 10.29 2.45
N PHE A 78 5.87 11.15 3.07
CA PHE A 78 7.28 10.80 3.34
C PHE A 78 7.38 9.54 4.24
N LEU A 79 6.58 9.48 5.31
CA LEU A 79 6.73 8.39 6.27
C LEU A 79 6.34 7.05 5.70
N ASP A 80 5.20 7.01 5.01
CA ASP A 80 4.74 5.78 4.36
C ASP A 80 5.71 5.25 3.30
N VAL A 81 6.40 6.15 2.60
CA VAL A 81 7.44 5.70 1.69
C VAL A 81 8.65 5.15 2.41
N PHE A 82 9.22 5.97 3.32
CA PHE A 82 10.54 5.67 3.90
C PHE A 82 10.59 5.00 5.28
N ILE A 83 9.45 4.94 5.98
CA ILE A 83 9.37 4.39 7.35
C ILE A 83 8.36 3.22 7.50
N GLU A 84 7.16 3.31 6.90
CA GLU A 84 6.13 2.31 7.15
C GLU A 84 6.57 0.85 6.95
N HIS A 85 7.43 0.59 5.97
CA HIS A 85 7.80 -0.77 5.64
C HIS A 85 8.39 -1.44 6.84
N SER A 86 9.11 -0.70 7.68
CA SER A 86 9.69 -1.26 8.91
C SER A 86 8.60 -1.65 9.92
N VAL A 87 7.55 -0.84 10.00
CA VAL A 87 6.44 -1.05 10.96
C VAL A 87 5.63 -2.30 10.53
N GLU A 88 5.43 -2.45 9.21
CA GLU A 88 4.82 -3.70 8.75
C GLU A 88 5.75 -4.92 8.98
N GLU A 89 7.04 -4.78 8.74
CA GLU A 89 8.04 -5.81 9.03
C GLU A 89 7.94 -6.36 10.48
N VAL A 90 7.71 -5.48 11.46
CA VAL A 90 7.36 -5.88 12.83
C VAL A 90 6.08 -6.69 12.91
N LEU A 91 5.00 -6.13 12.37
CA LEU A 91 3.69 -6.79 12.40
C LEU A 91 3.76 -8.17 11.74
N ALA A 92 4.61 -8.29 10.70
CA ALA A 92 4.80 -9.54 9.95
C ALA A 92 5.31 -10.68 10.81
N ARG A 93 6.03 -10.33 11.88
CA ARG A 93 6.67 -11.34 12.72
C ARG A 93 5.67 -12.23 13.42
N SER A 94 4.50 -11.68 13.73
CA SER A 94 3.49 -12.38 14.51
C SER A 94 2.42 -13.06 13.63
N ARG A 95 2.58 -12.94 12.32
CA ARG A 95 1.59 -13.42 11.35
C ARG A 95 2.05 -14.63 10.54
N LYS A 96 1.12 -15.54 10.32
CA LYS A 96 1.39 -16.78 9.58
C LYS A 96 0.64 -16.79 8.23
N GLY A 97 -0.41 -15.97 8.12
CA GLY A 97 -1.17 -15.87 6.87
C GLY A 97 -0.53 -15.08 5.71
N THR A 98 -1.35 -14.55 4.81
CA THR A 98 -0.74 -13.90 3.63
C THR A 98 0.11 -12.70 4.01
N MET A 99 1.23 -12.53 3.32
CA MET A 99 2.14 -11.41 3.61
C MET A 99 1.40 -10.12 3.55
N GLY A 100 1.68 -9.24 4.53
CA GLY A 100 1.13 -7.86 4.55
C GLY A 100 2.09 -6.98 3.76
N SER A 101 1.68 -5.74 3.54
CA SER A 101 2.52 -4.71 3.01
C SER A 101 2.04 -3.39 3.59
N ILE A 102 2.70 -2.29 3.22
CA ILE A 102 2.33 -1.02 3.80
C ILE A 102 0.94 -0.65 3.32
N GLU A 103 0.23 0.15 4.12
CA GLU A 103 -1.02 0.74 3.73
C GLU A 103 -0.82 1.91 2.75
N GLY A 104 0.20 2.75 2.99
CA GLY A 104 0.36 3.99 2.20
C GLY A 104 -0.71 4.98 2.70
N PRO A 105 -0.72 6.18 2.16
CA PRO A 105 -1.52 7.26 2.72
C PRO A 105 -2.95 7.45 2.15
N TYR A 106 -3.41 6.54 1.29
CA TYR A 106 -4.58 6.78 0.46
C TYR A 106 -5.70 5.81 0.71
N TYR A 107 -5.66 5.07 1.83
CA TYR A 107 -6.79 4.25 2.16
C TYR A 107 -7.97 5.11 2.64
N ILE A 108 -9.17 4.76 2.21
CA ILE A 108 -10.38 5.41 2.75
CA ILE A 108 -10.41 5.43 2.69
C ILE A 108 -11.40 4.37 3.19
N GLU A 109 -11.91 4.55 4.43
CA GLU A 109 -12.88 3.55 4.92
C GLU A 109 -14.24 3.77 4.28
N ASN A 110 -15.08 2.76 4.42
CA ASN A 110 -16.47 2.80 3.97
C ASN A 110 -16.65 2.97 2.46
N SER A 111 -15.69 2.49 1.67
CA SER A 111 -15.92 2.45 0.23
C SER A 111 -17.15 1.56 -0.04
N PRO A 112 -17.97 1.93 -1.05
CA PRO A 112 -19.26 1.31 -1.30
C PRO A 112 -19.17 -0.20 -1.50
N GLU A 113 -20.09 -0.91 -0.83
CA GLU A 113 -20.08 -2.36 -0.85
C GLU A 113 -20.49 -2.89 -2.24
N LEU A 114 -19.81 -3.96 -2.64
CA LEU A 114 -20.08 -4.63 -3.91
C LEU A 114 -20.29 -6.15 -3.74
N PRO A 115 -21.08 -6.79 -4.65
CA PRO A 115 -21.24 -8.24 -4.68
C PRO A 115 -19.94 -8.97 -4.89
N SER A 116 -19.92 -10.26 -4.55
CA SER A 116 -18.71 -11.07 -4.63
C SER A 116 -18.16 -11.14 -6.05
N LYS A 117 -19.05 -11.10 -7.04
CA LYS A 117 -18.64 -10.90 -8.44
C LYS A 117 -19.02 -9.49 -8.86
N CYS A 118 -18.02 -8.70 -9.28
CA CYS A 118 -18.31 -7.29 -9.48
C CYS A 118 -17.27 -6.59 -10.32
N THR A 119 -17.56 -5.37 -10.76
CA THR A 119 -16.49 -4.46 -11.20
C THR A 119 -16.41 -3.17 -10.40
N ASP A 120 -15.18 -2.71 -10.15
CA ASP A 120 -14.92 -1.47 -9.40
C ASP A 120 -15.58 -0.26 -10.12
N PRO A 121 -16.03 0.76 -9.35
CA PRO A 121 -16.45 2.01 -10.02
C PRO A 121 -15.28 2.59 -10.81
N MET A 122 -15.58 3.03 -12.01
CA MET A 122 -14.58 3.59 -12.89
C MET A 122 -15.27 4.52 -13.89
N ARG A 123 -14.44 5.37 -14.54
CA ARG A 123 -14.86 6.40 -15.53
C ARG A 123 -14.78 5.83 -16.91
N GLU A 124 -15.41 6.53 -17.84
CA GLU A 124 -15.31 6.14 -19.24
C GLU A 124 -13.85 6.07 -19.69
N GLU A 125 -13.00 6.99 -19.23
CA GLU A 125 -11.58 6.93 -19.61
C GLU A 125 -10.91 5.66 -19.05
N ASP A 126 -11.33 5.19 -17.87
CA ASP A 126 -10.78 3.93 -17.31
C ASP A 126 -11.18 2.65 -18.09
N GLU A 127 -12.32 2.70 -18.78
CA GLU A 127 -12.77 1.60 -19.63
C GLU A 127 -11.88 1.39 -20.88
N LYS A 128 -11.12 2.41 -21.24
CA LYS A 128 -10.04 2.30 -22.27
C LYS A 128 -8.86 1.38 -21.86
N ILE A 129 -8.73 1.08 -20.57
CA ILE A 129 -7.53 0.39 -20.08
C ILE A 129 -7.71 -1.13 -20.13
N THR A 130 -6.64 -1.89 -20.33
CA THR A 130 -6.82 -3.38 -20.30
C THR A 130 -7.36 -3.80 -18.93
N PRO A 131 -8.46 -4.53 -18.95
CA PRO A 131 -9.09 -4.99 -17.70
C PRO A 131 -8.26 -6.06 -16.98
N LEU A 132 -8.39 -6.05 -15.67
CA LEU A 132 -7.79 -7.05 -14.84
C LEU A 132 -8.91 -7.76 -14.07
N VAL A 133 -8.94 -9.08 -14.17
CA VAL A 133 -9.95 -9.87 -13.50
C VAL A 133 -9.29 -10.68 -12.41
N PHE A 134 -9.57 -10.23 -11.19
CA PHE A 134 -8.89 -10.74 -9.99
C PHE A 134 -9.86 -11.64 -9.21
N SER A 135 -9.51 -12.92 -9.12
CA SER A 135 -10.36 -13.98 -8.51
C SER A 135 -9.63 -14.66 -7.36
N GLY A 136 -10.39 -15.29 -6.48
CA GLY A 136 -9.73 -15.97 -5.39
C GLY A 136 -10.71 -16.24 -4.28
N GLN A 137 -10.12 -16.66 -3.16
CA GLN A 137 -10.87 -17.05 -1.98
C GLN A 137 -10.16 -16.61 -0.72
N VAL A 138 -10.96 -16.20 0.28
CA VAL A 138 -10.46 -15.82 1.58
C VAL A 138 -10.58 -17.05 2.52
N THR A 139 -9.47 -17.49 3.07
CA THR A 139 -9.45 -18.71 3.89
C THR A 139 -8.76 -18.49 5.24
N ASP A 140 -8.96 -19.41 6.19
CA ASP A 140 -8.11 -19.51 7.36
C ASP A 140 -6.75 -20.17 7.07
N LEU A 141 -5.96 -20.41 8.11
CA LEU A 141 -4.59 -20.91 7.98
C LEU A 141 -4.50 -22.32 7.42
N ASP A 142 -5.63 -23.02 7.48
CA ASP A 142 -5.75 -24.39 7.02
C ASP A 142 -6.40 -24.53 5.65
N GLY A 143 -6.77 -23.38 5.08
CA GLY A 143 -7.34 -23.35 3.75
C GLY A 143 -8.84 -23.45 3.72
N ASN A 144 -9.49 -23.45 4.90
CA ASN A 144 -10.95 -23.39 4.88
C ASN A 144 -11.49 -22.04 4.48
N GLY A 145 -12.47 -22.05 3.59
CA GLY A 145 -13.08 -20.83 3.06
C GLY A 145 -13.84 -20.14 4.18
N LEU A 146 -13.76 -18.83 4.22
CA LEU A 146 -14.37 -18.05 5.30
C LEU A 146 -15.57 -17.31 4.82
N ALA A 147 -16.68 -17.53 5.52
CA ALA A 147 -17.89 -16.74 5.35
C ALA A 147 -17.71 -15.42 6.10
N GLY A 148 -18.45 -14.38 5.67
CA GLY A 148 -18.41 -13.05 6.27
C GLY A 148 -17.22 -12.20 5.81
N ALA A 149 -16.48 -12.70 4.80
CA ALA A 149 -15.22 -12.06 4.45
C ALA A 149 -15.40 -10.85 3.51
N LYS A 150 -14.51 -9.87 3.66
CA LYS A 150 -14.55 -8.65 2.88
C LYS A 150 -13.18 -8.34 2.29
N VAL A 151 -13.21 -7.87 1.04
CA VAL A 151 -12.02 -7.41 0.37
C VAL A 151 -12.11 -5.94 -0.02
N GLU A 152 -11.35 -5.09 0.66
CA GLU A 152 -11.36 -3.66 0.35
C GLU A 152 -10.18 -3.38 -0.59
N LEU A 153 -10.52 -2.87 -1.76
CA LEU A 153 -9.56 -2.69 -2.79
C LEU A 153 -9.52 -1.23 -3.16
N TRP A 154 -8.30 -0.68 -3.31
CA TRP A 154 -8.11 0.67 -3.89
C TRP A 154 -6.77 0.66 -4.62
N HIS A 155 -6.69 1.50 -5.64
CA HIS A 155 -5.50 1.56 -6.46
C HIS A 155 -5.52 2.78 -7.37
N ALA A 156 -4.38 3.10 -7.96
CA ALA A 156 -4.32 4.27 -8.84
C ALA A 156 -4.86 4.03 -10.23
N ASP A 157 -5.39 5.10 -10.86
CA ASP A 157 -5.76 5.05 -12.27
C ASP A 157 -4.45 5.03 -13.09
N ASN A 158 -4.61 4.84 -14.39
CA ASN A 158 -3.52 4.86 -15.35
C ASN A 158 -2.78 6.19 -15.45
N ASP A 159 -3.37 7.27 -14.92
CA ASP A 159 -2.69 8.56 -14.82
C ASP A 159 -1.88 8.71 -13.51
N GLY A 160 -2.00 7.73 -12.61
CA GLY A 160 -1.28 7.72 -11.35
C GLY A 160 -1.98 8.51 -10.26
N TYR A 161 -3.30 8.64 -10.39
CA TYR A 161 -4.11 9.34 -9.40
C TYR A 161 -4.97 8.40 -8.59
N TYR A 162 -5.13 8.73 -7.31
CA TYR A 162 -6.06 8.13 -6.35
C TYR A 162 -7.25 9.08 -6.15
N SER A 163 -8.44 8.52 -6.29
CA SER A 163 -9.69 9.21 -5.96
C SER A 163 -9.63 9.68 -4.51
N GLN A 164 -10.17 10.88 -4.31
CA GLN A 164 -10.13 11.58 -3.04
C GLN A 164 -8.78 12.24 -2.72
N PHE A 165 -7.85 12.15 -3.67
CA PHE A 165 -6.54 12.79 -3.56
C PHE A 165 -6.22 13.35 -4.94
N ALA A 166 -7.28 13.58 -5.71
CA ALA A 166 -7.18 14.15 -7.04
C ALA A 166 -8.53 14.81 -7.34
N PRO A 167 -8.58 16.15 -7.32
CA PRO A 167 -9.85 16.85 -7.46
C PRO A 167 -10.72 16.48 -8.67
N HIS A 168 -10.12 15.98 -9.74
CA HIS A 168 -10.89 15.63 -10.96
C HIS A 168 -11.58 14.26 -10.94
N LEU A 169 -11.30 13.45 -9.93
CA LEU A 169 -11.81 12.06 -9.93
C LEU A 169 -13.07 11.90 -9.09
N PRO A 170 -14.04 11.10 -9.58
CA PRO A 170 -15.18 10.78 -8.70
C PRO A 170 -14.62 10.06 -7.46
N GLU A 171 -15.33 10.14 -6.33
CA GLU A 171 -14.69 9.92 -5.04
C GLU A 171 -14.41 8.44 -4.80
N TRP A 172 -15.14 7.53 -5.46
CA TRP A 172 -14.92 6.09 -5.26
C TRP A 172 -14.27 5.42 -6.49
N ASN A 173 -13.67 6.26 -7.36
CA ASN A 173 -13.05 5.72 -8.57
C ASN A 173 -12.05 4.66 -8.09
N LEU A 174 -12.21 3.43 -8.61
CA LEU A 174 -11.28 2.35 -8.36
C LEU A 174 -11.20 2.03 -6.86
N ARG A 175 -12.36 2.13 -6.19
CA ARG A 175 -12.41 1.78 -4.74
C ARG A 175 -13.68 0.99 -4.48
N GLY A 176 -13.58 -0.10 -3.73
CA GLY A 176 -14.83 -0.71 -3.23
C GLY A 176 -14.60 -1.66 -2.10
N THR A 177 -15.66 -2.07 -1.41
CA THR A 177 -15.49 -3.17 -0.49
C THR A 177 -16.31 -4.38 -0.96
N ILE A 178 -15.54 -5.40 -1.36
CA ILE A 178 -16.12 -6.57 -1.96
C ILE A 178 -16.57 -7.54 -0.88
N ILE A 179 -17.87 -7.83 -0.92
CA ILE A 179 -18.52 -8.75 0.00
C ILE A 179 -18.36 -10.15 -0.61
N ALA A 180 -17.47 -10.97 -0.04
CA ALA A 180 -17.11 -12.30 -0.59
C ALA A 180 -18.26 -13.28 -0.37
N ASP A 181 -18.38 -14.30 -1.21
CA ASP A 181 -19.57 -15.15 -1.10
C ASP A 181 -19.51 -16.06 0.15
N GLU A 182 -20.45 -17.02 0.25
CA GLU A 182 -20.52 -17.88 1.44
C GLU A 182 -19.27 -18.73 1.64
N GLU A 183 -18.55 -19.00 0.55
CA GLU A 183 -17.30 -19.77 0.61
C GLU A 183 -16.04 -18.88 0.67
N GLY A 184 -16.22 -17.57 0.67
CA GLY A 184 -15.09 -16.66 0.81
C GLY A 184 -14.54 -16.25 -0.53
N ARG A 185 -15.30 -16.50 -1.59
CA ARG A 185 -14.84 -16.29 -2.96
C ARG A 185 -15.26 -14.93 -3.53
N TYR A 186 -14.44 -14.44 -4.47
CA TYR A 186 -14.64 -13.13 -5.06
C TYR A 186 -14.14 -13.21 -6.49
N GLU A 187 -14.69 -12.34 -7.33
CA GLU A 187 -14.22 -12.12 -8.71
C GLU A 187 -14.41 -10.66 -9.03
N ILE A 188 -13.31 -9.93 -9.10
CA ILE A 188 -13.33 -8.48 -9.09
C ILE A 188 -12.68 -8.02 -10.37
N THR A 189 -13.42 -7.26 -11.15
CA THR A 189 -12.83 -6.66 -12.37
C THR A 189 -12.49 -5.19 -12.19
N THR A 190 -11.29 -4.85 -12.63
CA THR A 190 -10.83 -3.49 -12.51
C THR A 190 -9.95 -3.18 -13.72
N ILE A 191 -9.16 -2.13 -13.64
CA ILE A 191 -8.19 -1.85 -14.70
C ILE A 191 -6.82 -2.29 -14.22
N GLN A 192 -5.96 -2.55 -15.18
CA GLN A 192 -4.61 -3.07 -14.89
C GLN A 192 -3.81 -1.89 -14.33
N PRO A 193 -3.34 -1.99 -13.09
CA PRO A 193 -2.62 -0.90 -12.50
C PRO A 193 -1.33 -0.65 -13.28
N ALA A 194 -0.89 0.61 -13.30
CA ALA A 194 0.36 0.99 -13.98
C ALA A 194 1.37 1.57 -12.94
N PRO A 195 2.71 1.58 -13.27
CA PRO A 195 3.65 2.08 -12.28
C PRO A 195 3.22 3.42 -11.69
N TYR A 196 3.56 3.64 -10.42
CA TYR A 196 3.06 4.75 -9.67
C TYR A 196 4.20 5.70 -9.25
N GLN A 197 4.13 6.95 -9.73
CA GLN A 197 5.13 7.98 -9.38
C GLN A 197 4.76 8.72 -8.10
N ILE A 198 5.66 8.75 -7.14
CA ILE A 198 5.35 9.56 -5.96
C ILE A 198 5.38 11.06 -6.34
N PRO A 199 4.47 11.87 -5.75
CA PRO A 199 4.34 13.30 -6.06
C PRO A 199 5.69 14.02 -5.92
N THR A 200 6.23 14.60 -6.97
CA THR A 200 7.61 15.10 -6.85
C THR A 200 7.84 16.61 -6.75
N ASP A 201 6.78 17.41 -6.73
CA ASP A 201 7.02 18.85 -6.68
C ASP A 201 7.09 19.38 -5.26
N GLY A 202 7.11 18.47 -4.28
CA GLY A 202 7.19 18.88 -2.87
C GLY A 202 8.54 18.57 -2.25
N PRO A 203 8.64 18.72 -0.91
CA PRO A 203 9.89 18.41 -0.21
C PRO A 203 10.40 16.98 -0.40
N THR A 204 9.47 16.00 -0.44
CA THR A 204 9.82 14.59 -0.64
C THR A 204 10.48 14.37 -2.02
N GLY A 205 9.86 14.94 -3.06
CA GLY A 205 10.45 14.95 -4.41
C GLY A 205 11.86 15.54 -4.44
N GLN A 206 12.01 16.70 -3.79
CA GLN A 206 13.27 17.40 -3.64
C GLN A 206 14.33 16.49 -3.02
N PHE A 207 13.93 15.84 -1.92
CA PHE A 207 14.78 14.89 -1.22
C PHE A 207 15.23 13.74 -2.13
N ILE A 208 14.27 13.07 -2.79
CA ILE A 208 14.62 12.02 -3.76
C ILE A 208 15.45 12.57 -4.94
N GLU A 209 14.99 13.64 -5.59
CA GLU A 209 15.80 14.19 -6.70
C GLU A 209 17.23 14.55 -6.31
N ALA A 210 17.38 15.12 -5.11
CA ALA A 210 18.67 15.57 -4.61
C ALA A 210 19.71 14.49 -4.37
N GLN A 211 19.30 13.21 -4.32
CA GLN A 211 20.25 12.09 -4.22
C GLN A 211 20.25 11.16 -5.44
N ASN A 212 19.67 11.65 -6.54
CA ASN A 212 19.61 10.89 -7.82
C ASN A 212 18.83 9.58 -7.64
N GLY A 213 17.84 9.65 -6.73
CA GLY A 213 16.96 8.53 -6.46
C GLY A 213 15.91 8.33 -7.55
N HIS A 214 15.01 7.35 -7.33
CA HIS A 214 13.96 7.04 -8.32
C HIS A 214 12.61 7.05 -7.63
N PRO A 215 11.78 8.08 -7.94
CA PRO A 215 10.53 8.35 -7.20
C PRO A 215 9.39 7.45 -7.67
N TRP A 216 9.62 6.14 -7.75
CA TRP A 216 8.65 5.27 -8.44
C TRP A 216 8.36 4.06 -7.64
N ARG A 217 7.09 3.63 -7.70
CA ARG A 217 6.66 2.36 -7.16
C ARG A 217 6.23 1.45 -8.34
N PRO A 218 6.39 0.10 -8.21
CA PRO A 218 5.82 -0.76 -9.23
C PRO A 218 4.28 -0.66 -9.16
N ALA A 219 3.64 -0.89 -10.30
CA ALA A 219 2.16 -1.02 -10.35
C ALA A 219 1.67 -1.91 -9.22
N HIS A 220 0.56 -1.51 -8.59
CA HIS A 220 0.08 -2.25 -7.45
C HIS A 220 -1.40 -2.07 -7.19
N LEU A 221 -1.97 -3.09 -6.55
CA LEU A 221 -3.26 -3.04 -5.92
C LEU A 221 -3.05 -2.89 -4.41
N HIS A 222 -3.89 -2.08 -3.74
CA HIS A 222 -3.94 -2.08 -2.27
C HIS A 222 -5.15 -2.85 -1.78
N LEU A 223 -4.97 -3.64 -0.73
CA LEU A 223 -6.10 -4.43 -0.21
C LEU A 223 -6.08 -4.54 1.30
N ILE A 224 -7.26 -4.44 1.88
CA ILE A 224 -7.47 -4.87 3.25
C ILE A 224 -8.54 -5.97 3.25
N VAL A 225 -8.17 -7.13 3.80
CA VAL A 225 -9.02 -8.33 3.74
C VAL A 225 -9.28 -8.78 5.16
N SER A 226 -10.53 -9.06 5.45
CA SER A 226 -10.99 -9.18 6.81
C SER A 226 -12.08 -10.25 6.88
N ALA A 227 -12.21 -10.87 8.03
CA ALA A 227 -13.23 -11.92 8.22
C ALA A 227 -13.59 -12.06 9.72
N PRO A 228 -14.84 -12.47 10.02
CA PRO A 228 -15.19 -12.44 11.44
C PRO A 228 -14.28 -13.43 12.14
N GLY A 229 -13.76 -13.04 13.31
CA GLY A 229 -12.87 -13.86 14.13
C GLY A 229 -11.42 -13.83 13.69
N LYS A 230 -11.16 -13.11 12.61
CA LYS A 230 -9.81 -13.10 12.03
CA LYS A 230 -9.82 -13.11 12.03
C LYS A 230 -9.18 -11.73 12.09
N GLU A 231 -7.87 -11.73 12.09
CA GLU A 231 -7.10 -10.52 12.06
C GLU A 231 -7.13 -10.06 10.60
N SER A 232 -7.50 -8.80 10.37
CA SER A 232 -7.46 -8.24 9.00
C SER A 232 -6.04 -8.20 8.50
N VAL A 233 -5.88 -8.21 7.18
CA VAL A 233 -4.55 -8.04 6.61
C VAL A 233 -4.59 -6.90 5.62
N THR A 234 -3.63 -6.00 5.81
CA THR A 234 -3.40 -4.92 4.88
C THR A 234 -2.23 -5.37 4.02
N THR A 235 -2.43 -5.40 2.71
CA THR A 235 -1.36 -5.83 1.82
C THR A 235 -1.48 -5.17 0.45
N GLN A 236 -0.68 -5.64 -0.49
CA GLN A 236 -0.61 -5.08 -1.84
C GLN A 236 -0.21 -6.23 -2.76
N LEU A 237 -0.64 -6.13 -4.00
CA LEU A 237 -0.28 -7.11 -5.00
C LEU A 237 0.33 -6.38 -6.17
N TYR A 238 1.37 -6.99 -6.75
CA TYR A 238 2.18 -6.43 -7.85
C TYR A 238 2.16 -7.41 -9.07
N PHE A 239 2.96 -7.13 -10.10
CA PHE A 239 2.82 -7.84 -11.36
C PHE A 239 4.15 -8.29 -11.86
N LYS A 240 4.22 -9.58 -12.17
CA LYS A 240 5.48 -10.23 -12.56
C LYS A 240 6.07 -9.44 -13.71
N GLY A 241 7.36 -9.14 -13.65
CA GLY A 241 8.02 -8.48 -14.76
C GLY A 241 7.88 -6.98 -14.83
N GLY A 242 7.07 -6.44 -13.91
CA GLY A 242 6.70 -5.03 -13.98
C GLY A 242 7.89 -4.11 -13.72
N GLU A 243 7.84 -2.93 -14.29
CA GLU A 243 8.86 -1.90 -14.00
C GLU A 243 8.80 -1.52 -12.52
N TRP A 244 10.01 -1.37 -11.96
CA TRP A 244 10.28 -0.95 -10.57
C TRP A 244 10.02 -2.04 -9.55
N ILE A 245 9.72 -3.27 -10.01
CA ILE A 245 9.49 -4.38 -9.06
C ILE A 245 10.69 -4.64 -8.15
N ASP A 246 11.89 -4.41 -8.70
CA ASP A 246 13.16 -4.70 -8.02
C ASP A 246 13.77 -3.39 -7.46
N SER A 247 12.99 -2.30 -7.49
CA SER A 247 13.48 -0.99 -7.07
C SER A 247 12.36 -0.07 -6.59
N ASP A 248 11.50 -0.62 -5.72
CA ASP A 248 10.40 0.14 -5.15
C ASP A 248 10.95 1.16 -4.16
N VAL A 249 10.63 2.44 -4.35
CA VAL A 249 11.14 3.55 -3.54
C VAL A 249 10.66 3.37 -2.09
N ALA A 250 9.51 2.72 -1.96
CA ALA A 250 8.92 2.44 -0.64
C ALA A 250 9.41 1.15 0.01
N SER A 251 10.24 0.38 -0.69
CA SER A 251 10.80 -0.84 -0.08
C SER A 251 9.68 -1.78 0.41
N ALA A 252 8.60 -1.87 -0.35
CA ALA A 252 7.36 -2.49 0.20
C ALA A 252 6.90 -3.72 -0.59
N THR A 253 7.65 -4.08 -1.62
CA THR A 253 7.22 -5.20 -2.44
C THR A 253 7.82 -6.48 -1.88
N LYS A 254 7.03 -7.55 -1.91
CA LYS A 254 7.52 -8.84 -1.44
C LYS A 254 7.31 -9.86 -2.56
N PRO A 255 8.26 -10.81 -2.70
CA PRO A 255 8.16 -11.89 -3.71
C PRO A 255 6.82 -12.64 -3.67
N GLU A 256 6.29 -12.87 -2.47
CA GLU A 256 5.05 -13.56 -2.27
C GLU A 256 3.84 -12.83 -2.80
N LEU A 257 3.98 -11.53 -3.03
CA LEU A 257 2.87 -10.66 -3.43
C LEU A 257 2.82 -10.33 -4.93
N ILE A 258 3.64 -11.04 -5.70
CA ILE A 258 3.77 -10.84 -7.15
C ILE A 258 2.81 -11.77 -7.93
N LEU A 259 1.89 -11.15 -8.67
CA LEU A 259 0.89 -11.87 -9.48
C LEU A 259 1.45 -12.07 -10.83
N ASP A 260 1.01 -13.14 -11.48
CA ASP A 260 1.45 -13.43 -12.84
C ASP A 260 0.19 -13.60 -13.72
N PRO A 261 -0.47 -12.48 -14.05
CA PRO A 261 -1.74 -12.70 -14.75
C PRO A 261 -1.60 -13.28 -16.15
N LYS A 262 -2.64 -13.97 -16.60
CA LYS A 262 -2.65 -14.60 -17.92
C LYS A 262 -3.67 -13.86 -18.79
N THR A 263 -3.32 -13.59 -20.06
CA THR A 263 -4.22 -12.81 -20.89
C THR A 263 -5.16 -13.75 -21.68
N GLY A 264 -6.46 -13.47 -21.61
CA GLY A 264 -7.42 -14.32 -22.30
C GLY A 264 -7.69 -13.83 -23.73
N ASP A 265 -8.46 -14.61 -24.47
CA ASP A 265 -8.78 -14.23 -25.86
C ASP A 265 -9.61 -12.97 -25.95
N ASP A 266 -10.19 -12.56 -24.81
CA ASP A 266 -10.93 -11.27 -24.73
C ASP A 266 -9.99 -10.06 -24.46
N GLY A 267 -8.69 -10.29 -24.45
CA GLY A 267 -7.73 -9.24 -24.12
C GLY A 267 -7.59 -8.88 -22.63
N LYS A 268 -8.40 -9.53 -21.77
CA LYS A 268 -8.31 -9.23 -20.35
C LYS A 268 -7.25 -10.03 -19.61
N ASN A 269 -6.71 -9.47 -18.53
CA ASN A 269 -5.72 -10.17 -17.73
C ASN A 269 -6.38 -10.86 -16.54
N TYR A 270 -6.18 -12.18 -16.41
CA TYR A 270 -6.80 -12.98 -15.38
C TYR A 270 -5.77 -13.46 -14.43
N VAL A 271 -6.15 -13.43 -13.16
CA VAL A 271 -5.26 -13.89 -12.13
C VAL A 271 -6.04 -14.28 -10.88
N THR A 272 -5.65 -15.39 -10.29
CA THR A 272 -6.28 -15.75 -9.03
C THR A 272 -5.26 -15.68 -7.91
N TYR A 273 -5.70 -15.16 -6.77
CA TYR A 273 -4.88 -15.02 -5.58
C TYR A 273 -5.79 -15.24 -4.38
N ASN A 274 -5.39 -16.14 -3.48
CA ASN A 274 -6.15 -16.40 -2.25
C ASN A 274 -5.62 -15.62 -1.05
N PHE A 275 -6.53 -15.19 -0.18
CA PHE A 275 -6.15 -14.58 1.11
C PHE A 275 -6.28 -15.61 2.25
N VAL A 276 -5.29 -15.61 3.13
CA VAL A 276 -5.15 -16.58 4.22
C VAL A 276 -4.99 -15.70 5.44
N LEU A 277 -6.03 -15.70 6.28
CA LEU A 277 -6.07 -14.88 7.48
C LEU A 277 -5.67 -15.60 8.78
N ASP A 278 -4.97 -14.88 9.66
CA ASP A 278 -4.58 -15.34 10.99
C ASP A 278 -5.76 -15.18 11.95
N PRO A 279 -5.79 -15.97 13.05
CA PRO A 279 -6.88 -15.72 14.03
C PRO A 279 -6.77 -14.36 14.75
N ALA A 280 -7.90 -13.82 15.18
CA ALA A 280 -7.90 -12.54 15.89
C ALA A 280 -7.54 -12.66 17.37
FE FE B . -0.33 3.05 -3.77
C1 DHB C . 2.77 6.13 -0.79
C2 DHB C . 1.73 6.17 -1.74
C3 DHB C . 1.24 4.99 -2.26
O3 DHB C . 0.26 4.99 -3.19
C4 DHB C . 1.84 3.72 -1.81
O4 DHB C . 1.36 2.58 -2.31
C5 DHB C . 2.88 3.72 -0.86
C6 DHB C . 3.34 4.93 -0.35
C DHB C . 3.24 7.45 -0.24
O1 DHB C . 3.78 7.44 0.89
O2 DHB C . 3.07 8.52 -0.91
C24 6PL D . 12.82 5.28 15.20
C23 6PL D . 11.71 6.06 14.52
C22 6PL D . 10.36 5.50 14.92
C21 6PL D . 10.02 5.91 16.33
C20 6PL D . 8.52 5.90 16.55
C19 6PL D . 8.19 5.25 17.87
C18 6PL D . 7.55 6.23 18.81
C17 6PL D . 6.30 5.63 19.41
C16 6PL D . 5.48 6.71 20.11
C15 6PL D . 4.51 6.10 21.11
C14 6PL D . 4.36 6.98 22.34
C13 6PL D . 2.90 7.21 22.64
C12 6PL D . 2.71 8.20 23.77
C11 6PL D . 1.34 7.98 24.37
O11 6PL D . 1.04 6.90 24.82
O3 6PL D . 0.35 9.08 24.41
C3 6PL D . -0.51 9.07 23.27
C2 6PL D . -0.80 10.50 22.82
C1 6PL D . -2.19 10.63 22.21
O3P 6PL D . -3.14 9.89 22.98
P 6PL D . -4.09 10.89 23.83
O2 6PL D . 0.18 10.89 21.86
C31 6PL D . 1.06 11.96 22.34
O31 6PL D . 0.91 13.09 21.89
C32 6PL D . 2.16 11.67 23.33
C33 6PL D . 3.49 12.24 22.83
C34 6PL D . 3.96 11.59 21.52
C35 6PL D . 5.47 11.70 21.35
C36 6PL D . 6.03 10.48 20.65
C37 6PL D . 6.93 10.89 19.50
C38 6PL D . 7.85 9.75 19.05
C39 6PL D . 9.17 9.83 19.80
C40 6PL D . 10.31 9.12 19.09
C41 6PL D . 10.84 9.96 17.94
C42 6PL D . 11.85 10.99 18.38
C43 6PL D . 13.04 10.98 17.40
C44 6PL D . 12.57 11.06 15.95
C45 6PL D . 13.54 11.88 15.13
C46 6PL D . 12.82 12.92 14.30
C47 6PL D . 13.60 14.20 14.29
C48 6PL D . 14.83 14.53 13.48
#